data_2OFP
#
_entry.id   2OFP
#
_cell.length_a   101.692
_cell.length_b   101.692
_cell.length_c   171.168
_cell.angle_alpha   90.00
_cell.angle_beta   90.00
_cell.angle_gamma   90.00
#
_symmetry.space_group_name_H-M   'P 41 21 2'
#
loop_
_entity.id
_entity.type
_entity.pdbx_description
1 polymer 'Ketopantoate reductase'
2 non-polymer 'NADP NICOTINAMIDE-ADENINE-DINUCLEOTIDE PHOSPHATE'
3 non-polymer PANTOATE
4 non-polymer '1,4-DIETHYLENE DIOXIDE'
5 non-polymer 'ACETATE ION'
6 water water
#
_entity_poly.entity_id   1
_entity_poly.type   'polypeptide(L)'
_entity_poly.pdbx_seq_one_letter_code
;MRGSHHHHHHGLVPRGSMKITVLGCGALGQLWLTALCKQGHEVQGWLRVPQPYCSVNLVETDGSIFNESLTANDPDFLAT
SDLLLVTLKAWQVSDAVKSLASTLPVTTPILLIHNGMGTIEELQNIQQPLLMGTTTHAARRDGNVIIHVANGITHIGPAR
QQDGDYSYLADILQTVLPDVAWHNNIRAELWRKLAVNCVINPLTAIWNCPNGELRHHPQEIMQICEEVAAVIEREGHHTS
AEDLRDYVMQVIDATAENISSMLQDIRALRHTEIDYINGFLLRRARAHGIAVPENTRLFEMVKRKESEYERIGTGLPRPW
;
_entity_poly.pdbx_strand_id   A,B
#
# COMPACT_ATOMS: atom_id res chain seq x y z
N SER A 17 -5.19 -5.50 -24.18
CA SER A 17 -4.56 -6.85 -24.04
C SER A 17 -5.49 -7.81 -23.27
N MET A 18 -6.03 -7.35 -22.15
CA MET A 18 -6.89 -8.19 -21.33
C MET A 18 -8.39 -8.01 -21.65
N LYS A 19 -9.12 -9.11 -21.59
CA LYS A 19 -10.58 -9.08 -21.70
C LYS A 19 -11.21 -9.43 -20.34
N ILE A 20 -11.91 -8.48 -19.73
CA ILE A 20 -12.42 -8.64 -18.36
C ILE A 20 -13.94 -8.43 -18.27
N THR A 21 -14.62 -9.36 -17.61
CA THR A 21 -16.01 -9.11 -17.22
C THR A 21 -16.06 -8.57 -15.78
N VAL A 22 -16.69 -7.42 -15.58
CA VAL A 22 -16.88 -6.94 -14.21
C VAL A 22 -18.31 -7.25 -13.73
N LEU A 23 -18.42 -8.12 -12.75
CA LEU A 23 -19.70 -8.42 -12.14
C LEU A 23 -20.00 -7.55 -10.90
N GLY A 24 -21.00 -6.69 -11.01
CA GLY A 24 -21.36 -5.80 -9.92
C GLY A 24 -20.87 -4.41 -10.23
N CYS A 25 -21.65 -3.70 -11.05
CA CYS A 25 -21.28 -2.38 -11.61
C CYS A 25 -21.71 -1.20 -10.75
N GLY A 26 -21.43 -1.29 -9.45
CA GLY A 26 -21.75 -0.19 -8.54
C GLY A 26 -20.53 0.73 -8.40
N ALA A 27 -20.25 1.18 -7.17
CA ALA A 27 -19.18 2.15 -6.89
C ALA A 27 -17.78 1.59 -7.20
N LEU A 28 -17.42 0.47 -6.57
CA LEU A 28 -16.22 -0.26 -6.90
C LEU A 28 -16.12 -0.74 -8.37
N GLY A 29 -17.18 -1.36 -8.90
CA GLY A 29 -17.14 -1.91 -10.25
C GLY A 29 -16.90 -0.85 -11.29
N GLN A 30 -17.53 0.31 -11.11
CA GLN A 30 -17.37 1.43 -12.03
C GLN A 30 -15.98 2.06 -11.98
N LEU A 31 -15.43 2.14 -10.78
CA LEU A 31 -14.05 2.53 -10.57
C LEU A 31 -13.10 1.62 -11.38
N TRP A 32 -13.22 0.30 -11.22
CA TRP A 32 -12.39 -0.62 -12.01
C TRP A 32 -12.67 -0.62 -13.52
N LEU A 33 -13.95 -0.48 -13.93
CA LEU A 33 -14.27 -0.43 -15.34
C LEU A 33 -13.60 0.77 -16.01
N THR A 34 -13.69 1.94 -15.40
CA THR A 34 -13.04 3.16 -15.87
C THR A 34 -11.53 2.96 -16.01
N ALA A 35 -10.88 2.61 -14.89
CA ALA A 35 -9.45 2.29 -14.88
C ALA A 35 -9.05 1.30 -15.96
N LEU A 36 -9.80 0.21 -16.11
CA LEU A 36 -9.49 -0.80 -17.13
C LEU A 36 -9.65 -0.27 -18.56
N CYS A 37 -10.66 0.57 -18.78
CA CYS A 37 -10.87 1.25 -20.05
C CYS A 37 -9.76 2.22 -20.46
N LYS A 38 -9.33 3.07 -19.53
CA LYS A 38 -8.18 3.96 -19.74
C LYS A 38 -6.87 3.28 -20.15
N GLN A 39 -6.67 2.03 -19.74
CA GLN A 39 -5.49 1.26 -20.15
C GLN A 39 -5.69 0.43 -21.42
N GLY A 40 -6.84 0.61 -22.07
CA GLY A 40 -7.14 -0.04 -23.34
C GLY A 40 -7.52 -1.51 -23.22
N HIS A 41 -7.97 -1.93 -22.02
CA HIS A 41 -8.48 -3.28 -21.90
C HIS A 41 -9.91 -3.36 -22.42
N GLU A 42 -10.29 -4.55 -22.88
CA GLU A 42 -11.65 -4.81 -23.32
C GLU A 42 -12.52 -5.30 -22.13
N VAL A 43 -13.58 -4.56 -21.83
CA VAL A 43 -14.38 -4.83 -20.64
C VAL A 43 -15.87 -4.78 -20.93
N GLN A 44 -16.62 -5.54 -20.14
CA GLN A 44 -18.06 -5.37 -20.09
C GLN A 44 -18.48 -5.46 -18.64
N GLY A 45 -19.64 -4.88 -18.34
CA GLY A 45 -20.28 -5.09 -17.06
C GLY A 45 -21.23 -6.28 -17.09
N TRP A 46 -21.48 -6.87 -15.93
CA TRP A 46 -22.52 -7.87 -15.80
C TRP A 46 -23.49 -7.35 -14.73
N LEU A 47 -24.70 -7.04 -15.18
CA LEU A 47 -25.72 -6.43 -14.34
C LEU A 47 -26.69 -7.48 -13.84
N ARG A 48 -27.37 -7.17 -12.73
CA ARG A 48 -28.37 -8.07 -12.14
C ARG A 48 -29.52 -8.30 -13.11
N VAL A 49 -30.07 -7.23 -13.65
CA VAL A 49 -31.16 -7.31 -14.62
C VAL A 49 -30.54 -6.96 -15.98
N PRO A 50 -30.63 -7.88 -16.98
CA PRO A 50 -29.95 -7.59 -18.26
C PRO A 50 -30.48 -6.30 -18.90
N GLN A 51 -29.59 -5.54 -19.50
CA GLN A 51 -29.94 -4.22 -20.01
C GLN A 51 -29.20 -4.01 -21.31
N PRO A 52 -29.65 -3.03 -22.13
CA PRO A 52 -28.96 -2.72 -23.39
C PRO A 52 -27.45 -2.48 -23.19
N TYR A 53 -27.09 -1.71 -22.18
CA TYR A 53 -25.71 -1.40 -21.90
C TYR A 53 -25.48 -1.11 -20.41
N CYS A 54 -24.23 -1.13 -20.03
CA CYS A 54 -23.79 -0.78 -18.71
C CYS A 54 -23.30 0.67 -18.85
N SER A 55 -23.91 1.59 -18.13
CA SER A 55 -23.41 2.97 -18.19
C SER A 55 -22.44 3.22 -17.04
N VAL A 56 -21.29 3.79 -17.37
CA VAL A 56 -20.23 4.06 -16.38
C VAL A 56 -20.07 5.58 -16.26
N ASN A 57 -20.17 6.09 -15.04
CA ASN A 57 -20.15 7.52 -14.78
C ASN A 57 -19.30 7.80 -13.56
N LEU A 58 -18.08 8.30 -13.77
CA LEU A 58 -17.14 8.43 -12.66
C LEU A 58 -16.43 9.79 -12.55
N VAL A 59 -16.56 10.41 -11.39
CA VAL A 59 -15.81 11.61 -11.04
C VAL A 59 -14.52 11.23 -10.26
N GLU A 60 -13.37 11.43 -10.91
CA GLU A 60 -12.09 11.13 -10.29
C GLU A 60 -11.69 12.08 -9.13
N THR A 61 -10.61 11.73 -8.41
CA THR A 61 -10.15 12.48 -7.22
C THR A 61 -9.92 13.98 -7.53
N ASP A 62 -9.31 14.27 -8.68
CA ASP A 62 -9.11 15.66 -9.14
C ASP A 62 -10.39 16.44 -9.53
N GLY A 63 -11.38 15.73 -10.07
CA GLY A 63 -12.62 16.36 -10.55
C GLY A 63 -12.99 16.04 -12.00
N SER A 64 -12.10 15.35 -12.71
CA SER A 64 -12.38 14.91 -14.09
C SER A 64 -13.49 13.85 -14.15
N ILE A 65 -14.20 13.81 -15.27
CA ILE A 65 -15.38 12.97 -15.45
C ILE A 65 -15.19 12.00 -16.61
N PHE A 66 -15.47 10.72 -16.35
CA PHE A 66 -15.42 9.67 -17.37
C PHE A 66 -16.84 9.17 -17.57
N ASN A 67 -17.25 9.11 -18.83
CA ASN A 67 -18.62 8.75 -19.18
C ASN A 67 -18.61 7.82 -20.36
N GLU A 68 -18.99 6.57 -20.12
CA GLU A 68 -19.01 5.60 -21.19
C GLU A 68 -20.22 4.70 -21.04
N SER A 69 -20.58 4.06 -22.16
CA SER A 69 -21.60 3.04 -22.20
C SER A 69 -20.90 1.80 -22.71
N LEU A 70 -20.94 0.73 -21.93
CA LEU A 70 -20.19 -0.47 -22.28
C LEU A 70 -21.15 -1.61 -22.54
N THR A 71 -20.67 -2.60 -23.26
CA THR A 71 -21.34 -3.90 -23.32
C THR A 71 -21.80 -4.37 -21.91
N ALA A 72 -22.94 -5.06 -21.88
CA ALA A 72 -23.45 -5.63 -20.64
C ALA A 72 -24.01 -7.02 -20.88
N ASN A 73 -23.80 -7.92 -19.93
CA ASN A 73 -24.39 -9.26 -19.97
C ASN A 73 -24.25 -10.05 -21.27
N ASP A 74 -23.09 -9.91 -21.91
CA ASP A 74 -22.79 -10.70 -23.11
C ASP A 74 -22.16 -12.06 -22.78
N PRO A 75 -22.89 -13.15 -23.05
CA PRO A 75 -22.40 -14.45 -22.59
C PRO A 75 -21.19 -14.96 -23.38
N ASP A 76 -20.96 -14.40 -24.57
CA ASP A 76 -19.81 -14.80 -25.39
C ASP A 76 -18.55 -14.08 -24.92
N PHE A 77 -18.73 -12.80 -24.60
CA PHE A 77 -17.74 -11.99 -23.95
C PHE A 77 -17.32 -12.65 -22.63
N LEU A 78 -18.27 -13.17 -21.86
CA LEU A 78 -17.97 -13.94 -20.67
C LEU A 78 -17.18 -15.21 -20.96
N ALA A 79 -17.66 -15.99 -21.94
CA ALA A 79 -16.98 -17.24 -22.32
C ALA A 79 -15.55 -17.02 -22.86
N THR A 80 -15.19 -15.78 -23.20
CA THR A 80 -13.81 -15.51 -23.69
C THR A 80 -13.06 -14.44 -22.87
N SER A 81 -13.50 -14.24 -21.62
CA SER A 81 -12.91 -13.28 -20.69
C SER A 81 -11.63 -13.87 -20.08
N ASP A 82 -10.62 -13.03 -19.91
CA ASP A 82 -9.38 -13.43 -19.20
C ASP A 82 -9.50 -13.41 -17.66
N LEU A 83 -10.51 -12.69 -17.17
CA LEU A 83 -10.71 -12.54 -15.74
C LEU A 83 -12.19 -12.25 -15.49
N LEU A 84 -12.76 -12.82 -14.43
CA LEU A 84 -14.01 -12.30 -13.88
C LEU A 84 -13.70 -11.51 -12.62
N LEU A 85 -13.96 -10.20 -12.64
CA LEU A 85 -13.74 -9.36 -11.50
C LEU A 85 -15.10 -9.10 -10.86
N VAL A 86 -15.21 -9.45 -9.58
CA VAL A 86 -16.46 -9.42 -8.85
C VAL A 86 -16.40 -8.34 -7.78
N THR A 87 -17.27 -7.33 -7.92
CA THR A 87 -17.28 -6.19 -7.02
C THR A 87 -18.69 -6.03 -6.48
N LEU A 88 -19.21 -7.13 -5.94
CA LEU A 88 -20.57 -7.17 -5.37
C LEU A 88 -20.47 -7.07 -3.86
N LYS A 89 -21.55 -6.59 -3.22
CA LYS A 89 -21.69 -6.72 -1.76
C LYS A 89 -21.56 -8.19 -1.40
N ALA A 90 -20.94 -8.46 -0.26
CA ALA A 90 -20.64 -9.83 0.15
C ALA A 90 -21.86 -10.81 0.12
N TRP A 91 -23.05 -10.33 0.47
CA TRP A 91 -24.25 -11.18 0.48
C TRP A 91 -24.83 -11.45 -0.91
N GLN A 92 -24.36 -10.69 -1.90
CA GLN A 92 -24.75 -10.87 -3.29
C GLN A 92 -23.80 -11.82 -4.02
N VAL A 93 -22.59 -12.02 -3.49
CA VAL A 93 -21.49 -12.66 -4.24
C VAL A 93 -21.73 -14.07 -4.78
N SER A 94 -22.04 -15.02 -3.92
CA SER A 94 -21.82 -16.39 -4.32
C SER A 94 -22.94 -16.95 -5.24
N ASP A 95 -24.17 -16.50 -5.07
CA ASP A 95 -25.25 -16.90 -6.01
C ASP A 95 -25.00 -16.37 -7.39
N ALA A 96 -24.57 -15.10 -7.47
CA ALA A 96 -24.26 -14.46 -8.77
C ALA A 96 -23.07 -15.14 -9.46
N VAL A 97 -22.03 -15.45 -8.71
CA VAL A 97 -20.85 -16.11 -9.26
C VAL A 97 -21.16 -17.53 -9.74
N LYS A 98 -21.97 -18.27 -8.98
CA LYS A 98 -22.33 -19.65 -9.33
C LYS A 98 -23.08 -19.70 -10.65
N SER A 99 -23.91 -18.69 -10.87
CA SER A 99 -24.69 -18.66 -12.07
C SER A 99 -23.88 -18.28 -13.33
N LEU A 100 -22.72 -17.67 -13.16
CA LEU A 100 -21.83 -17.37 -14.29
C LEU A 100 -20.75 -18.40 -14.52
N ALA A 101 -20.49 -19.26 -13.54
CA ALA A 101 -19.29 -20.11 -13.55
C ALA A 101 -19.29 -21.24 -14.58
N SER A 102 -20.46 -21.68 -15.03
CA SER A 102 -20.55 -22.74 -16.03
C SER A 102 -20.37 -22.24 -17.48
N THR A 103 -20.46 -20.92 -17.67
CA THR A 103 -20.20 -20.26 -18.95
C THR A 103 -18.76 -19.75 -19.03
N LEU A 104 -18.23 -19.23 -17.94
CA LEU A 104 -16.82 -18.78 -17.87
C LEU A 104 -15.91 -19.99 -18.08
N PRO A 105 -14.79 -19.84 -18.82
CA PRO A 105 -13.89 -21.01 -18.97
C PRO A 105 -13.42 -21.53 -17.62
N VAL A 106 -13.19 -22.83 -17.55
CA VAL A 106 -12.74 -23.50 -16.34
C VAL A 106 -11.38 -22.94 -15.89
N THR A 107 -10.67 -22.33 -16.84
CA THR A 107 -9.34 -21.76 -16.61
C THR A 107 -9.32 -20.25 -16.21
N THR A 108 -10.43 -19.53 -16.40
CA THR A 108 -10.43 -18.10 -16.13
C THR A 108 -10.53 -17.80 -14.62
N PRO A 109 -9.53 -17.11 -14.05
CA PRO A 109 -9.56 -16.77 -12.62
C PRO A 109 -10.74 -15.86 -12.30
N ILE A 110 -11.28 -16.05 -11.09
CA ILE A 110 -12.35 -15.19 -10.59
C ILE A 110 -11.75 -14.38 -9.44
N LEU A 111 -11.84 -13.04 -9.49
CA LEU A 111 -11.25 -12.24 -8.44
C LEU A 111 -12.34 -11.54 -7.66
N LEU A 112 -12.50 -11.97 -6.39
CA LEU A 112 -13.52 -11.40 -5.52
C LEU A 112 -12.96 -10.23 -4.70
N ILE A 113 -13.56 -9.06 -4.84
CA ILE A 113 -13.21 -7.93 -3.96
C ILE A 113 -14.46 -7.48 -3.23
N HIS A 114 -14.48 -7.78 -1.94
CA HIS A 114 -15.55 -7.32 -1.06
C HIS A 114 -15.02 -7.19 0.39
N ASN A 115 -15.81 -6.50 1.19
CA ASN A 115 -15.67 -6.37 2.63
C ASN A 115 -16.23 -7.64 3.26
N GLY A 116 -15.73 -7.96 4.43
CA GLY A 116 -16.20 -9.13 5.14
C GLY A 116 -15.58 -10.40 4.61
N MET A 117 -15.97 -11.52 5.19
CA MET A 117 -15.43 -12.83 4.84
C MET A 117 -16.62 -13.76 4.86
N GLY A 118 -16.46 -14.99 4.40
CA GLY A 118 -17.53 -15.95 4.42
C GLY A 118 -18.04 -16.43 3.07
N THR A 119 -17.72 -15.70 1.99
CA THR A 119 -18.11 -16.06 0.64
C THR A 119 -17.38 -17.27 0.08
N ILE A 120 -16.14 -17.48 0.51
CA ILE A 120 -15.36 -18.61 -0.01
C ILE A 120 -16.02 -19.91 0.41
N GLU A 121 -16.62 -19.89 1.60
CA GLU A 121 -17.30 -21.05 2.18
C GLU A 121 -18.54 -21.42 1.35
N GLU A 122 -19.08 -20.43 0.66
CA GLU A 122 -20.23 -20.56 -0.21
C GLU A 122 -19.84 -20.91 -1.64
N LEU A 123 -18.56 -21.13 -1.92
CA LEU A 123 -18.08 -21.28 -3.31
C LEU A 123 -17.05 -22.39 -3.41
N GLN A 124 -17.23 -23.40 -2.56
CA GLN A 124 -16.29 -24.52 -2.52
C GLN A 124 -16.22 -25.35 -3.81
N ASN A 125 -17.33 -25.47 -4.55
CA ASN A 125 -17.41 -26.26 -5.80
C ASN A 125 -17.01 -25.52 -7.09
N ILE A 126 -16.58 -24.26 -6.96
CA ILE A 126 -16.13 -23.50 -8.12
C ILE A 126 -14.86 -24.15 -8.66
N GLN A 127 -14.84 -24.39 -9.97
CA GLN A 127 -13.73 -25.08 -10.61
C GLN A 127 -12.68 -24.09 -11.08
N GLN A 128 -13.10 -22.84 -11.34
CA GLN A 128 -12.14 -21.82 -11.76
C GLN A 128 -11.12 -21.52 -10.66
N PRO A 129 -9.96 -20.98 -11.05
CA PRO A 129 -9.07 -20.41 -10.02
C PRO A 129 -9.85 -19.33 -9.28
N LEU A 130 -9.85 -19.38 -7.94
CA LEU A 130 -10.59 -18.39 -7.16
C LEU A 130 -9.62 -17.49 -6.39
N LEU A 131 -9.78 -16.17 -6.51
CA LEU A 131 -8.87 -15.23 -5.82
C LEU A 131 -9.63 -14.28 -4.93
N MET A 132 -9.04 -13.90 -3.79
CA MET A 132 -9.67 -12.95 -2.86
C MET A 132 -8.88 -11.65 -2.74
N GLY A 133 -9.58 -10.54 -2.59
CA GLY A 133 -8.91 -9.24 -2.55
C GLY A 133 -9.55 -8.31 -1.55
N THR A 134 -8.76 -7.44 -0.94
CA THR A 134 -9.29 -6.34 -0.11
C THR A 134 -8.85 -5.05 -0.76
N THR A 135 -9.59 -3.97 -0.57
CA THR A 135 -9.15 -2.71 -1.11
C THR A 135 -9.41 -1.59 -0.13
N THR A 136 -8.57 -0.55 -0.19
CA THR A 136 -8.73 0.68 0.61
C THR A 136 -9.05 1.90 -0.25
N HIS A 137 -9.15 1.72 -1.57
CA HIS A 137 -9.81 2.71 -2.40
C HIS A 137 -11.18 2.96 -1.82
N ALA A 138 -11.67 4.19 -2.01
CA ALA A 138 -13.03 4.55 -1.61
C ALA A 138 -13.73 5.19 -2.78
N ALA A 139 -14.93 4.69 -3.07
CA ALA A 139 -15.78 5.23 -4.12
C ALA A 139 -17.21 5.26 -3.62
N ARG A 140 -17.91 6.36 -3.88
CA ARG A 140 -19.22 6.65 -3.33
C ARG A 140 -20.16 6.97 -4.47
N ARG A 141 -21.39 6.45 -4.41
CA ARG A 141 -22.45 6.89 -5.31
C ARG A 141 -22.98 8.24 -4.84
N ASP A 142 -23.01 9.20 -5.75
CA ASP A 142 -23.62 10.52 -5.53
C ASP A 142 -24.67 10.75 -6.61
N GLY A 143 -25.92 10.36 -6.35
CA GLY A 143 -26.96 10.38 -7.35
C GLY A 143 -26.63 9.46 -8.53
N ASN A 144 -26.30 10.06 -9.67
CA ASN A 144 -26.04 9.29 -10.89
C ASN A 144 -24.56 9.13 -11.27
N VAL A 145 -23.67 9.74 -10.48
CA VAL A 145 -22.24 9.50 -10.67
C VAL A 145 -21.62 8.72 -9.52
N ILE A 146 -20.51 8.06 -9.82
CA ILE A 146 -19.65 7.53 -8.77
C ILE A 146 -18.50 8.51 -8.57
N ILE A 147 -18.26 8.89 -7.33
CA ILE A 147 -17.10 9.71 -7.04
C ILE A 147 -15.98 8.83 -6.48
N HIS A 148 -14.80 8.91 -7.07
CA HIS A 148 -13.62 8.31 -6.49
C HIS A 148 -13.14 9.19 -5.33
N VAL A 149 -13.43 8.75 -4.12
CA VAL A 149 -13.16 9.51 -2.92
C VAL A 149 -11.71 9.41 -2.46
N ALA A 150 -11.16 8.20 -2.46
CA ALA A 150 -9.77 8.01 -2.04
C ALA A 150 -9.06 6.94 -2.85
N ASN A 151 -7.74 7.10 -3.01
CA ASN A 151 -6.87 6.07 -3.56
C ASN A 151 -6.48 5.07 -2.47
N GLY A 152 -5.94 3.94 -2.86
CA GLY A 152 -5.58 2.99 -1.83
C GLY A 152 -4.84 1.82 -2.42
N ILE A 153 -4.81 0.75 -1.64
CA ILE A 153 -4.09 -0.43 -2.05
C ILE A 153 -5.09 -1.60 -2.09
N THR A 154 -4.87 -2.52 -3.02
CA THR A 154 -5.70 -3.71 -3.13
C THR A 154 -4.78 -4.90 -2.90
N HIS A 155 -5.07 -5.67 -1.87
CA HIS A 155 -4.27 -6.88 -1.62
C HIS A 155 -5.00 -8.09 -2.18
N ILE A 156 -4.31 -8.93 -2.94
CA ILE A 156 -4.95 -10.10 -3.53
C ILE A 156 -4.13 -11.36 -3.33
N GLY A 157 -4.80 -12.50 -3.28
CA GLY A 157 -4.14 -13.79 -3.24
C GLY A 157 -5.13 -14.92 -3.45
N PRO A 158 -4.68 -16.18 -3.34
CA PRO A 158 -5.54 -17.35 -3.58
C PRO A 158 -6.64 -17.50 -2.51
N ALA A 159 -7.84 -17.89 -2.92
CA ALA A 159 -8.93 -18.08 -1.96
C ALA A 159 -8.78 -19.41 -1.21
N ARG A 160 -8.20 -20.40 -1.88
CA ARG A 160 -8.26 -21.79 -1.44
C ARG A 160 -6.94 -22.47 -1.70
N GLN A 161 -6.78 -23.62 -1.08
CA GLN A 161 -5.61 -24.50 -1.19
C GLN A 161 -5.25 -24.76 -2.63
N GLN A 162 -6.24 -25.11 -3.45
CA GLN A 162 -5.99 -25.50 -4.84
C GLN A 162 -5.65 -24.34 -5.79
N ASP A 163 -5.98 -23.12 -5.40
CA ASP A 163 -5.71 -21.93 -6.24
C ASP A 163 -4.24 -21.51 -6.18
N GLY A 164 -3.67 -21.29 -7.36
CA GLY A 164 -2.23 -21.22 -7.55
C GLY A 164 -1.76 -19.79 -7.66
N ASP A 165 -0.64 -19.62 -8.35
CA ASP A 165 0.01 -18.35 -8.52
C ASP A 165 -0.57 -17.58 -9.71
N TYR A 166 -1.27 -16.50 -9.38
CA TYR A 166 -1.83 -15.60 -10.37
C TYR A 166 -1.25 -14.23 -10.09
N SER A 167 -0.03 -14.23 -9.57
CA SER A 167 0.70 -12.99 -9.34
C SER A 167 0.82 -12.14 -10.58
N TYR A 168 0.85 -12.76 -11.76
CA TYR A 168 0.84 -12.03 -13.03
C TYR A 168 -0.31 -11.02 -13.09
N LEU A 169 -1.42 -11.33 -12.45
CA LEU A 169 -2.58 -10.43 -12.38
C LEU A 169 -2.28 -9.13 -11.63
N ALA A 170 -1.57 -9.28 -10.51
CA ALA A 170 -1.09 -8.16 -9.69
C ALA A 170 -0.23 -7.19 -10.52
N ASP A 171 0.72 -7.74 -11.26
CA ASP A 171 1.49 -6.91 -12.20
C ASP A 171 0.61 -6.14 -13.17
N ILE A 172 -0.37 -6.81 -13.79
CA ILE A 172 -1.22 -6.17 -14.77
C ILE A 172 -2.09 -5.15 -14.09
N LEU A 173 -2.68 -5.52 -12.96
CA LEU A 173 -3.60 -4.63 -12.27
C LEU A 173 -2.90 -3.42 -11.63
N GLN A 174 -1.62 -3.56 -11.32
CA GLN A 174 -0.80 -2.40 -10.85
C GLN A 174 -0.74 -1.31 -11.91
N THR A 175 -0.82 -1.67 -13.19
CA THR A 175 -0.80 -0.66 -14.27
C THR A 175 -2.18 -0.05 -14.52
N VAL A 176 -3.20 -0.62 -13.90
CA VAL A 176 -4.61 -0.23 -14.08
C VAL A 176 -5.08 0.66 -12.94
N LEU A 177 -5.04 0.13 -11.72
CA LEU A 177 -5.51 0.87 -10.58
C LEU A 177 -4.53 0.59 -9.42
N PRO A 178 -3.37 1.26 -9.42
CA PRO A 178 -2.41 1.10 -8.30
C PRO A 178 -3.02 1.53 -6.96
N ASP A 179 -2.55 0.98 -5.84
CA ASP A 179 -1.57 -0.09 -5.82
C ASP A 179 -2.22 -1.46 -5.64
N VAL A 180 -1.54 -2.49 -6.10
CA VAL A 180 -2.00 -3.86 -6.00
C VAL A 180 -0.80 -4.69 -5.54
N ALA A 181 -1.00 -5.50 -4.50
CA ALA A 181 -0.01 -6.43 -3.98
C ALA A 181 -0.55 -7.87 -3.96
N TRP A 182 0.20 -8.80 -4.54
CA TRP A 182 -0.07 -10.22 -4.47
C TRP A 182 0.50 -10.83 -3.21
N HIS A 183 -0.26 -11.74 -2.58
CA HIS A 183 0.23 -12.52 -1.43
C HIS A 183 -0.06 -13.98 -1.66
N ASN A 184 0.94 -14.84 -1.44
CA ASN A 184 0.76 -16.28 -1.63
C ASN A 184 -0.23 -16.87 -0.63
N ASN A 185 -0.37 -16.20 0.51
CA ASN A 185 -1.40 -16.50 1.48
C ASN A 185 -2.06 -15.18 1.93
N ILE A 186 -3.34 -15.04 1.59
CA ILE A 186 -4.10 -13.80 1.83
C ILE A 186 -4.88 -13.77 3.17
N ARG A 187 -4.82 -14.87 3.92
N ARG A 187 -4.85 -14.86 3.93
CA ARG A 187 -5.68 -15.07 5.10
CA ARG A 187 -5.77 -14.99 5.06
C ARG A 187 -5.47 -14.02 6.19
C ARG A 187 -5.49 -14.06 6.26
N ALA A 188 -4.22 -13.78 6.52
CA ALA A 188 -3.83 -12.78 7.53
C ALA A 188 -4.40 -11.39 7.21
N GLU A 189 -4.27 -10.99 5.94
CA GLU A 189 -4.88 -9.78 5.42
C GLU A 189 -6.43 -9.74 5.57
N LEU A 190 -7.12 -10.81 5.20
CA LEU A 190 -8.59 -10.86 5.36
C LEU A 190 -8.99 -10.66 6.83
N TRP A 191 -8.31 -11.38 7.70
CA TRP A 191 -8.61 -11.29 9.14
C TRP A 191 -8.35 -9.90 9.72
N ARG A 192 -7.26 -9.26 9.30
CA ARG A 192 -6.96 -7.92 9.82
C ARG A 192 -8.00 -6.93 9.33
N LYS A 193 -8.44 -7.07 8.07
CA LYS A 193 -9.59 -6.28 7.60
C LYS A 193 -10.88 -6.63 8.33
N LEU A 194 -11.07 -7.91 8.65
CA LEU A 194 -12.31 -8.30 9.31
C LEU A 194 -12.38 -7.65 10.71
N ALA A 195 -11.25 -7.70 11.41
CA ALA A 195 -11.10 -7.12 12.72
C ALA A 195 -11.50 -5.66 12.77
N VAL A 196 -10.96 -4.85 11.85
CA VAL A 196 -11.28 -3.42 11.88
C VAL A 196 -12.77 -3.21 11.54
N ASN A 197 -13.25 -4.00 10.59
CA ASN A 197 -14.63 -3.90 10.16
C ASN A 197 -15.63 -4.34 11.23
N CYS A 198 -15.30 -5.40 11.99
CA CYS A 198 -16.09 -5.78 13.20
C CYS A 198 -16.21 -4.67 14.25
N VAL A 199 -15.23 -3.76 14.30
CA VAL A 199 -15.30 -2.65 15.23
C VAL A 199 -16.11 -1.48 14.67
N ILE A 200 -15.66 -0.95 13.53
CA ILE A 200 -16.13 0.35 13.06
C ILE A 200 -17.53 0.31 12.50
N ASN A 201 -17.81 -0.68 11.67
CA ASN A 201 -19.11 -0.71 11.04
C ASN A 201 -20.29 -0.78 12.04
N PRO A 202 -20.34 -1.85 12.88
CA PRO A 202 -21.51 -1.91 13.79
C PRO A 202 -21.59 -0.73 14.76
N LEU A 203 -20.46 -0.26 15.28
CA LEU A 203 -20.50 0.80 16.26
C LEU A 203 -20.96 2.10 15.63
N THR A 204 -20.54 2.35 14.39
CA THR A 204 -20.96 3.60 13.73
C THR A 204 -22.42 3.53 13.34
N ALA A 205 -22.86 2.36 12.91
CA ALA A 205 -24.25 2.14 12.51
C ALA A 205 -25.20 2.31 13.71
N ILE A 206 -24.72 1.90 14.89
CA ILE A 206 -25.46 1.99 16.15
C ILE A 206 -25.51 3.43 16.67
N TRP A 207 -24.37 4.10 16.67
CA TRP A 207 -24.28 5.42 17.24
C TRP A 207 -24.61 6.51 16.23
N ASN A 208 -24.84 6.12 14.98
CA ASN A 208 -25.06 7.06 13.87
C ASN A 208 -24.01 8.18 13.85
N CYS A 209 -22.73 7.79 13.91
CA CYS A 209 -21.64 8.76 14.02
C CYS A 209 -20.55 8.60 12.94
N PRO A 210 -19.77 9.67 12.69
CA PRO A 210 -18.57 9.53 11.87
C PRO A 210 -17.57 8.62 12.55
N ASN A 211 -16.71 7.97 11.76
CA ASN A 211 -15.70 7.08 12.32
C ASN A 211 -14.95 7.65 13.48
N GLY A 212 -14.58 8.93 13.41
CA GLY A 212 -13.71 9.54 14.42
C GLY A 212 -14.27 9.60 15.83
N GLU A 213 -15.60 9.57 15.96
CA GLU A 213 -16.25 9.47 17.29
C GLU A 213 -15.80 8.24 18.09
N LEU A 214 -15.55 7.13 17.38
CA LEU A 214 -15.07 5.90 18.04
C LEU A 214 -13.79 6.04 18.84
N ARG A 215 -13.02 7.10 18.60
CA ARG A 215 -11.83 7.35 19.42
C ARG A 215 -12.20 7.63 20.88
N HIS A 216 -13.44 8.06 21.10
CA HIS A 216 -13.94 8.25 22.46
C HIS A 216 -14.39 6.96 23.15
N HIS A 217 -14.26 5.83 22.45
CA HIS A 217 -14.77 4.56 22.97
C HIS A 217 -13.73 3.48 23.03
N PRO A 218 -12.58 3.76 23.66
CA PRO A 218 -11.48 2.82 23.68
C PRO A 218 -11.78 1.50 24.41
N GLN A 219 -12.62 1.51 25.45
CA GLN A 219 -12.92 0.26 26.18
C GLN A 219 -13.71 -0.73 25.33
N GLU A 220 -14.73 -0.22 24.66
CA GLU A 220 -15.58 -1.01 23.78
C GLU A 220 -14.74 -1.57 22.61
N ILE A 221 -13.97 -0.71 21.95
CA ILE A 221 -13.06 -1.15 20.89
C ILE A 221 -12.21 -2.29 21.41
N MET A 222 -11.60 -2.09 22.58
CA MET A 222 -10.67 -3.10 23.07
C MET A 222 -11.40 -4.42 23.41
N GLN A 223 -12.64 -4.32 23.90
CA GLN A 223 -13.43 -5.51 24.21
C GLN A 223 -13.68 -6.34 22.93
N ILE A 224 -14.08 -5.67 21.85
CA ILE A 224 -14.28 -6.29 20.54
C ILE A 224 -12.99 -6.93 20.01
N CYS A 225 -11.86 -6.21 20.09
CA CYS A 225 -10.54 -6.70 19.67
C CYS A 225 -10.07 -7.93 20.44
N GLU A 226 -10.36 -7.98 21.74
N GLU A 226 -10.37 -7.94 21.75
CA GLU A 226 -10.02 -9.20 22.51
CA GLU A 226 -10.13 -9.10 22.62
C GLU A 226 -10.79 -10.42 22.00
C GLU A 226 -10.80 -10.38 22.05
N GLU A 227 -12.08 -10.24 21.68
CA GLU A 227 -12.86 -11.33 21.10
C GLU A 227 -12.27 -11.71 19.74
N VAL A 228 -12.02 -10.73 18.89
CA VAL A 228 -11.47 -11.04 17.57
C VAL A 228 -10.11 -11.72 17.65
N ALA A 229 -9.24 -11.24 18.55
CA ALA A 229 -7.91 -11.84 18.65
C ALA A 229 -7.98 -13.28 19.05
N ALA A 230 -8.94 -13.63 19.94
CA ALA A 230 -9.14 -14.99 20.43
C ALA A 230 -9.53 -15.95 19.30
N VAL A 231 -10.43 -15.50 18.44
CA VAL A 231 -10.84 -16.27 17.29
C VAL A 231 -9.70 -16.42 16.26
N ILE A 232 -9.02 -15.31 15.92
CA ILE A 232 -7.92 -15.33 14.95
C ILE A 232 -6.83 -16.29 15.44
N GLU A 233 -6.52 -16.21 16.74
CA GLU A 233 -5.65 -17.18 17.40
C GLU A 233 -6.04 -18.63 17.04
N ARG A 234 -7.30 -18.99 17.28
CA ARG A 234 -7.78 -20.36 17.08
C ARG A 234 -7.83 -20.78 15.61
N GLU A 235 -7.90 -19.79 14.73
CA GLU A 235 -7.86 -19.98 13.29
C GLU A 235 -6.42 -20.06 12.75
N GLY A 236 -5.43 -20.04 13.65
CA GLY A 236 -4.04 -20.25 13.27
C GLY A 236 -3.32 -19.04 12.68
N HIS A 237 -3.49 -17.87 13.30
CA HIS A 237 -2.73 -16.67 12.97
C HIS A 237 -2.29 -16.01 14.27
N HIS A 238 -1.03 -15.61 14.34
CA HIS A 238 -0.48 -14.96 15.53
C HIS A 238 -0.91 -13.49 15.50
N THR A 239 -1.68 -13.08 16.49
CA THR A 239 -1.98 -11.66 16.68
C THR A 239 -2.13 -11.40 18.18
N SER A 240 -2.49 -10.17 18.53
CA SER A 240 -2.86 -9.83 19.90
C SER A 240 -3.96 -8.79 19.80
N ALA A 241 -4.71 -8.63 20.87
CA ALA A 241 -5.78 -7.62 20.94
C ALA A 241 -5.24 -6.18 20.77
N GLU A 242 -4.08 -5.94 21.36
CA GLU A 242 -3.37 -4.65 21.31
C GLU A 242 -2.99 -4.31 19.88
N ASP A 243 -2.44 -5.28 19.15
CA ASP A 243 -2.12 -5.09 17.75
C ASP A 243 -3.35 -4.75 16.92
N LEU A 244 -4.44 -5.47 17.15
CA LEU A 244 -5.69 -5.20 16.39
C LEU A 244 -6.21 -3.83 16.77
N ARG A 245 -6.21 -3.53 18.06
CA ARG A 245 -6.67 -2.21 18.53
C ARG A 245 -5.85 -1.06 17.90
N ASP A 246 -4.53 -1.20 17.87
CA ASP A 246 -3.66 -0.20 17.22
C ASP A 246 -4.05 0.02 15.77
N TYR A 247 -4.30 -1.08 15.06
CA TYR A 247 -4.72 -0.97 13.66
C TYR A 247 -6.10 -0.30 13.50
N VAL A 248 -7.08 -0.66 14.35
CA VAL A 248 -8.37 0.04 14.33
C VAL A 248 -8.23 1.56 14.49
N MET A 249 -7.38 2.00 15.41
CA MET A 249 -7.15 3.43 15.64
C MET A 249 -6.45 4.11 14.46
N GLN A 250 -5.50 3.42 13.82
CA GLN A 250 -4.91 3.96 12.60
C GLN A 250 -6.04 4.20 11.62
N VAL A 251 -6.89 3.19 11.39
CA VAL A 251 -7.99 3.33 10.42
C VAL A 251 -8.96 4.43 10.83
N ILE A 252 -9.30 4.48 12.12
CA ILE A 252 -10.17 5.54 12.62
C ILE A 252 -9.55 6.93 12.39
N ASP A 253 -8.28 7.10 12.77
CA ASP A 253 -7.54 8.36 12.58
C ASP A 253 -7.50 8.76 11.10
N ALA A 254 -7.30 7.80 10.22
CA ALA A 254 -7.30 8.05 8.78
C ALA A 254 -8.65 8.40 8.16
N THR A 255 -9.74 8.08 8.83
CA THR A 255 -11.07 8.13 8.19
C THR A 255 -12.04 8.90 9.08
N ALA A 256 -11.47 9.66 10.02
CA ALA A 256 -12.20 10.33 11.10
C ALA A 256 -13.50 11.02 10.72
N GLU A 257 -13.51 11.60 9.52
N GLU A 257 -13.53 11.60 9.52
CA GLU A 257 -14.63 12.42 9.05
CA GLU A 257 -14.68 12.38 9.06
C GLU A 257 -15.55 11.63 8.11
C GLU A 257 -15.64 11.55 8.26
N ASN A 258 -15.19 10.37 7.85
CA ASN A 258 -16.00 9.49 6.98
C ASN A 258 -17.23 8.90 7.64
N ILE A 259 -18.20 8.60 6.81
CA ILE A 259 -19.33 7.82 7.20
C ILE A 259 -18.99 6.42 6.69
N SER A 260 -18.95 5.44 7.61
CA SER A 260 -18.62 4.04 7.28
C SER A 260 -19.62 3.51 6.28
N SER A 261 -19.26 2.42 5.59
CA SER A 261 -20.21 1.82 4.64
C SER A 261 -21.47 1.32 5.32
N MET A 262 -21.33 0.67 6.49
CA MET A 262 -22.52 0.17 7.22
C MET A 262 -23.46 1.31 7.65
N LEU A 263 -22.91 2.39 8.24
CA LEU A 263 -23.73 3.55 8.58
C LEU A 263 -24.39 4.18 7.33
N GLN A 264 -23.66 4.23 6.21
CA GLN A 264 -24.23 4.66 4.91
C GLN A 264 -25.39 3.77 4.46
N ASP A 265 -25.22 2.44 4.61
CA ASP A 265 -26.30 1.47 4.38
C ASP A 265 -27.53 1.72 5.27
N ILE A 266 -27.26 1.95 6.55
CA ILE A 266 -28.33 2.18 7.52
C ILE A 266 -29.09 3.46 7.12
N ARG A 267 -28.35 4.56 6.96
CA ARG A 267 -28.95 5.86 6.66
C ARG A 267 -29.79 5.77 5.40
N ALA A 268 -29.33 4.95 4.45
CA ALA A 268 -29.97 4.79 3.15
C ALA A 268 -30.98 3.66 3.12
N LEU A 269 -31.23 3.05 4.29
CA LEU A 269 -32.21 1.95 4.47
C LEU A 269 -31.95 0.73 3.59
N ARG A 270 -30.68 0.52 3.19
CA ARG A 270 -30.28 -0.68 2.46
C ARG A 270 -29.90 -1.77 3.46
N HIS A 271 -30.09 -3.03 3.05
CA HIS A 271 -29.55 -4.20 3.75
C HIS A 271 -28.04 -4.01 4.00
N THR A 272 -27.52 -4.46 5.15
CA THR A 272 -26.08 -4.27 5.45
C THR A 272 -25.26 -5.55 5.19
N GLU A 273 -23.94 -5.45 5.28
CA GLU A 273 -23.06 -6.64 5.14
C GLU A 273 -22.76 -7.40 6.46
N ILE A 274 -23.54 -7.10 7.52
CA ILE A 274 -23.35 -7.66 8.87
C ILE A 274 -23.16 -9.18 8.94
N ASP A 275 -23.87 -9.93 8.09
CA ASP A 275 -23.74 -11.41 8.06
C ASP A 275 -22.36 -11.90 7.61
N TYR A 276 -21.58 -11.00 7.00
CA TYR A 276 -20.24 -11.37 6.56
C TYR A 276 -19.15 -10.61 7.31
N ILE A 277 -19.57 -9.84 8.29
CA ILE A 277 -18.59 -9.20 9.13
C ILE A 277 -18.68 -9.82 10.54
N ASN A 278 -19.45 -9.21 11.45
CA ASN A 278 -19.60 -9.76 12.79
C ASN A 278 -20.26 -11.12 12.72
N GLY A 279 -21.24 -11.25 11.83
CA GLY A 279 -21.90 -12.53 11.56
C GLY A 279 -20.92 -13.65 11.28
N PHE A 280 -19.92 -13.39 10.42
CA PHE A 280 -18.87 -14.36 10.13
C PHE A 280 -17.95 -14.59 11.34
N LEU A 281 -17.64 -13.51 12.06
CA LEU A 281 -16.86 -13.67 13.27
C LEU A 281 -17.57 -14.62 14.27
N LEU A 282 -18.88 -14.41 14.46
CA LEU A 282 -19.70 -15.28 15.33
C LEU A 282 -19.64 -16.74 14.89
N ARG A 283 -19.77 -16.97 13.57
CA ARG A 283 -19.68 -18.33 12.98
C ARG A 283 -18.36 -18.99 13.28
N ARG A 284 -17.27 -18.24 13.14
CA ARG A 284 -15.95 -18.83 13.47
C ARG A 284 -15.75 -19.01 14.97
N ALA A 285 -16.20 -18.06 15.79
CA ALA A 285 -16.10 -18.22 17.26
C ALA A 285 -16.86 -19.49 17.73
N ARG A 286 -18.11 -19.61 17.29
CA ARG A 286 -18.96 -20.72 17.69
C ARG A 286 -18.43 -22.06 17.25
N ALA A 287 -17.76 -22.09 16.09
CA ALA A 287 -17.19 -23.32 15.57
C ALA A 287 -16.11 -23.84 16.50
N HIS A 288 -15.49 -22.93 17.28
CA HIS A 288 -14.37 -23.27 18.18
C HIS A 288 -14.75 -23.22 19.66
N GLY A 289 -15.97 -22.79 19.95
CA GLY A 289 -16.40 -22.69 21.34
C GLY A 289 -15.87 -21.47 22.06
N ILE A 290 -15.64 -20.38 21.32
CA ILE A 290 -15.15 -19.12 21.92
C ILE A 290 -16.35 -18.24 22.13
N ALA A 291 -16.58 -17.85 23.38
CA ALA A 291 -17.66 -16.94 23.74
C ALA A 291 -17.31 -15.52 23.25
N VAL A 292 -18.21 -14.95 22.44
CA VAL A 292 -18.04 -13.61 21.88
C VAL A 292 -19.28 -12.73 22.15
N PRO A 293 -19.58 -12.50 23.46
CA PRO A 293 -20.81 -11.78 23.86
C PRO A 293 -20.94 -10.40 23.23
N GLU A 294 -19.82 -9.71 23.03
CA GLU A 294 -19.88 -8.32 22.58
C GLU A 294 -20.13 -8.23 21.07
N ASN A 295 -19.41 -9.04 20.31
CA ASN A 295 -19.73 -9.17 18.86
C ASN A 295 -21.18 -9.65 18.63
N THR A 296 -21.66 -10.57 19.50
CA THR A 296 -23.06 -11.05 19.40
C THR A 296 -24.06 -9.93 19.61
N ARG A 297 -23.79 -9.11 20.61
CA ARG A 297 -24.68 -7.98 20.88
C ARG A 297 -24.69 -6.94 19.76
N LEU A 298 -23.51 -6.64 19.19
CA LEU A 298 -23.44 -5.70 18.04
C LEU A 298 -24.15 -6.23 16.83
N PHE A 299 -23.94 -7.51 16.57
CA PHE A 299 -24.66 -8.20 15.51
C PHE A 299 -26.20 -8.09 15.67
N GLU A 300 -26.70 -8.45 16.85
CA GLU A 300 -28.13 -8.30 17.18
C GLU A 300 -28.61 -6.85 17.02
N MET A 301 -27.85 -5.89 17.56
CA MET A 301 -28.22 -4.50 17.34
C MET A 301 -28.36 -4.05 15.87
N VAL A 302 -27.41 -4.44 15.02
CA VAL A 302 -27.47 -4.08 13.60
C VAL A 302 -28.69 -4.75 12.90
N LYS A 303 -28.86 -6.05 13.09
CA LYS A 303 -30.05 -6.81 12.65
C LYS A 303 -31.39 -6.16 13.06
N ARG A 304 -31.46 -5.71 14.31
CA ARG A 304 -32.60 -4.95 14.79
C ARG A 304 -32.81 -3.64 14.00
N LYS A 305 -31.76 -2.81 13.87
CA LYS A 305 -31.87 -1.55 13.11
C LYS A 305 -32.43 -1.79 11.73
N GLU A 306 -31.97 -2.89 11.10
CA GLU A 306 -32.42 -3.35 9.81
C GLU A 306 -33.87 -3.81 9.81
N SER A 307 -34.35 -4.32 10.95
CA SER A 307 -35.74 -4.78 11.04
C SER A 307 -36.73 -3.61 11.11
N GLU A 308 -36.25 -2.46 11.57
CA GLU A 308 -36.98 -1.20 11.51
C GLU A 308 -37.15 -0.68 10.08
N TYR A 309 -36.54 -1.38 9.11
CA TYR A 309 -36.83 -1.18 7.69
C TYR A 309 -36.88 -2.49 6.85
N SER B 17 10.54 -15.31 14.36
CA SER B 17 11.55 -14.27 14.74
C SER B 17 12.71 -14.25 13.74
N MET B 18 12.87 -13.13 13.05
CA MET B 18 14.05 -12.91 12.22
C MET B 18 15.14 -12.20 13.00
N LYS B 19 16.36 -12.32 12.51
CA LYS B 19 17.50 -11.58 13.07
C LYS B 19 17.93 -10.59 12.00
N ILE B 20 17.85 -9.30 12.33
CA ILE B 20 18.02 -8.24 11.32
C ILE B 20 19.01 -7.15 11.77
N THR B 21 19.94 -6.83 10.90
CA THR B 21 20.80 -5.68 11.09
C THR B 21 20.23 -4.54 10.24
N VAL B 22 19.93 -3.42 10.90
CA VAL B 22 19.49 -2.20 10.20
C VAL B 22 20.66 -1.24 10.04
N LEU B 23 21.08 -1.06 8.80
CA LEU B 23 22.17 -0.17 8.49
C LEU B 23 21.67 1.23 8.19
N GLY B 24 22.01 2.18 9.05
CA GLY B 24 21.62 3.60 8.93
C GLY B 24 20.44 3.83 9.86
N CYS B 25 20.71 4.30 11.06
CA CYS B 25 19.69 4.52 12.09
C CYS B 25 19.21 5.97 12.18
N GLY B 26 18.81 6.53 11.03
CA GLY B 26 18.17 7.85 11.02
C GLY B 26 16.66 7.66 11.05
N ALA B 27 15.94 8.49 10.31
CA ALA B 27 14.48 8.53 10.40
C ALA B 27 13.84 7.20 10.04
N LEU B 28 14.15 6.74 8.83
CA LEU B 28 13.60 5.49 8.34
C LEU B 28 14.17 4.28 9.07
N GLY B 29 15.45 4.30 9.44
CA GLY B 29 16.04 3.20 10.19
C GLY B 29 15.42 3.01 11.58
N GLN B 30 15.18 4.11 12.28
CA GLN B 30 14.55 4.03 13.59
C GLN B 30 13.07 3.62 13.52
N LEU B 31 12.35 4.08 12.51
CA LEU B 31 11.04 3.56 12.20
C LEU B 31 10.99 2.01 12.05
N TRP B 32 11.85 1.47 11.20
CA TRP B 32 11.94 0.02 10.98
C TRP B 32 12.41 -0.73 12.23
N LEU B 33 13.42 -0.20 12.91
CA LEU B 33 13.89 -0.82 14.15
C LEU B 33 12.78 -0.95 15.17
N THR B 34 12.03 0.14 15.35
CA THR B 34 10.91 0.17 16.27
C THR B 34 9.87 -0.89 15.89
N ALA B 35 9.43 -0.88 14.63
CA ALA B 35 8.38 -1.79 14.13
C ALA B 35 8.80 -3.24 14.23
N LEU B 36 10.05 -3.53 13.87
CA LEU B 36 10.62 -4.87 13.93
C LEU B 36 10.70 -5.37 15.38
N CYS B 37 11.02 -4.45 16.29
CA CYS B 37 11.21 -4.77 17.68
C CYS B 37 9.86 -5.06 18.32
N LYS B 38 8.83 -4.31 17.92
CA LYS B 38 7.46 -4.54 18.42
C LYS B 38 6.86 -5.90 17.97
N GLN B 39 7.38 -6.46 16.89
CA GLN B 39 6.94 -7.77 16.41
C GLN B 39 7.83 -8.92 16.87
N GLY B 40 8.72 -8.67 17.81
CA GLY B 40 9.52 -9.74 18.44
C GLY B 40 10.76 -10.15 17.68
N HIS B 41 11.08 -9.46 16.59
CA HIS B 41 12.27 -9.77 15.85
C HIS B 41 13.53 -9.35 16.61
N GLU B 42 14.64 -9.97 16.28
CA GLU B 42 15.90 -9.64 16.91
C GLU B 42 16.67 -8.67 16.01
N VAL B 43 16.98 -7.50 16.55
CA VAL B 43 17.52 -6.41 15.74
C VAL B 43 18.71 -5.73 16.38
N GLN B 44 19.62 -5.26 15.52
CA GLN B 44 20.65 -4.31 15.95
C GLN B 44 20.69 -3.16 14.95
N GLY B 45 21.21 -2.01 15.40
CA GLY B 45 21.57 -0.91 14.51
C GLY B 45 23.00 -1.02 14.05
N TRP B 46 23.30 -0.48 12.89
CA TRP B 46 24.66 -0.32 12.43
C TRP B 46 24.84 1.16 12.12
N LEU B 47 25.72 1.80 12.89
CA LEU B 47 25.91 3.25 12.91
C LEU B 47 27.22 3.55 12.22
N ARG B 48 27.41 4.82 11.88
CA ARG B 48 28.59 5.25 11.14
C ARG B 48 29.85 5.06 12.01
N VAL B 49 29.69 5.24 13.33
CA VAL B 49 30.75 5.09 14.28
C VAL B 49 30.27 4.19 15.38
N PRO B 50 31.04 3.13 15.69
CA PRO B 50 30.60 2.16 16.70
C PRO B 50 30.35 2.80 18.05
N GLN B 51 29.25 2.45 18.69
CA GLN B 51 28.87 3.02 19.98
C GLN B 51 28.51 1.88 20.89
N PRO B 52 28.52 2.13 22.22
CA PRO B 52 28.06 1.16 23.22
C PRO B 52 26.70 0.53 22.88
N TYR B 53 25.79 1.38 22.40
N TYR B 53 25.77 1.38 22.43
CA TYR B 53 24.45 0.98 22.02
CA TYR B 53 24.39 0.99 22.12
C TYR B 53 23.89 1.93 20.96
C TYR B 53 23.88 1.92 21.00
N CYS B 54 22.75 1.55 20.41
CA CYS B 54 22.08 2.31 19.38
C CYS B 54 20.81 2.81 20.02
N SER B 55 20.61 4.13 20.08
CA SER B 55 19.37 4.71 20.65
C SER B 55 18.28 4.85 19.62
N VAL B 56 17.11 4.30 19.92
CA VAL B 56 15.93 4.43 19.11
C VAL B 56 14.88 5.25 19.85
N ASN B 57 14.48 6.36 19.26
CA ASN B 57 13.52 7.30 19.84
C ASN B 57 12.50 7.73 18.82
N LEU B 58 11.32 7.14 18.89
CA LEU B 58 10.31 7.30 17.85
C LEU B 58 8.98 7.73 18.45
N VAL B 59 8.43 8.82 17.90
CA VAL B 59 7.05 9.22 18.14
C VAL B 59 6.17 8.67 17.00
N GLU B 60 5.23 7.79 17.35
CA GLU B 60 4.36 7.18 16.37
C GLU B 60 3.29 8.14 15.89
N THR B 61 2.56 7.71 14.85
CA THR B 61 1.48 8.53 14.27
C THR B 61 0.38 8.89 15.28
N ASP B 62 0.21 8.08 16.33
CA ASP B 62 -0.75 8.39 17.42
C ASP B 62 -0.18 9.24 18.57
N GLY B 63 1.13 9.54 18.55
CA GLY B 63 1.75 10.41 19.55
C GLY B 63 2.43 9.63 20.65
N SER B 64 2.24 8.32 20.66
CA SER B 64 2.92 7.44 21.58
C SER B 64 4.45 7.41 21.29
N ILE B 65 5.22 7.24 22.36
CA ILE B 65 6.68 7.33 22.29
C ILE B 65 7.29 5.96 22.54
N PHE B 66 8.29 5.63 21.75
CA PHE B 66 8.99 4.37 21.88
C PHE B 66 10.43 4.72 22.11
N ASN B 67 11.03 4.06 23.09
CA ASN B 67 12.34 4.45 23.59
C ASN B 67 13.22 3.30 23.94
N GLU B 68 14.07 2.86 23.03
CA GLU B 68 14.92 1.69 23.31
C GLU B 68 16.39 1.85 23.02
N SER B 69 17.19 1.05 23.71
CA SER B 69 18.61 0.95 23.45
C SER B 69 18.85 -0.44 22.87
N LEU B 70 19.58 -0.49 21.77
CA LEU B 70 19.80 -1.75 21.08
C LEU B 70 21.28 -1.99 20.93
N THR B 71 21.65 -3.24 20.68
CA THR B 71 22.98 -3.59 20.18
C THR B 71 23.31 -2.73 18.94
N ALA B 72 24.57 -2.30 18.83
CA ALA B 72 25.06 -1.56 17.68
C ALA B 72 26.36 -2.18 17.18
N ASN B 73 26.53 -2.25 15.86
CA ASN B 73 27.82 -2.53 15.26
C ASN B 73 28.52 -3.78 15.80
N ASP B 74 27.72 -4.83 16.01
CA ASP B 74 28.22 -6.13 16.40
C ASP B 74 28.41 -7.01 15.16
N PRO B 75 29.68 -7.28 14.81
CA PRO B 75 29.97 -7.97 13.55
C PRO B 75 29.56 -9.44 13.54
N ASP B 76 29.33 -10.00 14.74
CA ASP B 76 28.88 -11.37 14.85
C ASP B 76 27.34 -11.44 14.72
N PHE B 77 26.66 -10.47 15.32
CA PHE B 77 25.23 -10.29 15.10
C PHE B 77 24.97 -10.17 13.59
N LEU B 78 25.83 -9.41 12.89
CA LEU B 78 25.80 -9.23 11.44
C LEU B 78 26.01 -10.53 10.65
N ALA B 79 27.04 -11.30 11.03
CA ALA B 79 27.39 -12.53 10.29
C ALA B 79 26.33 -13.61 10.48
N THR B 80 25.46 -13.42 11.47
CA THR B 80 24.37 -14.35 11.71
C THR B 80 22.99 -13.69 11.48
N SER B 81 22.97 -12.60 10.72
CA SER B 81 21.71 -11.91 10.40
C SER B 81 21.00 -12.59 9.22
N ASP B 82 19.67 -12.65 9.31
CA ASP B 82 18.80 -13.15 8.23
C ASP B 82 18.55 -12.09 7.16
N LEU B 83 18.78 -10.82 7.52
CA LEU B 83 18.52 -9.69 6.62
C LEU B 83 19.44 -8.55 6.98
N LEU B 84 19.99 -7.92 5.95
CA LEU B 84 20.58 -6.61 6.11
C LEU B 84 19.60 -5.61 5.52
N LEU B 85 19.00 -4.78 6.38
CA LEU B 85 18.08 -3.75 5.95
C LEU B 85 18.80 -2.40 5.91
N VAL B 86 18.89 -1.82 4.72
CA VAL B 86 19.69 -0.63 4.51
C VAL B 86 18.79 0.61 4.35
N THR B 87 18.90 1.55 5.29
CA THR B 87 18.16 2.80 5.20
C THR B 87 19.10 4.02 5.35
N LEU B 88 20.07 4.07 4.45
CA LEU B 88 21.04 5.16 4.32
C LEU B 88 20.63 6.08 3.20
N LYS B 89 21.09 7.32 3.30
CA LYS B 89 21.05 8.25 2.17
C LYS B 89 21.80 7.67 0.96
N ALA B 90 21.27 7.91 -0.25
CA ALA B 90 21.70 7.19 -1.47
C ALA B 90 23.20 7.31 -1.75
N TRP B 91 23.79 8.47 -1.45
CA TRP B 91 25.22 8.70 -1.72
C TRP B 91 26.17 8.00 -0.72
N GLN B 92 25.58 7.41 0.33
CA GLN B 92 26.32 6.66 1.37
C GLN B 92 26.13 5.13 1.26
N VAL B 93 25.15 4.71 0.47
CA VAL B 93 24.73 3.31 0.41
C VAL B 93 25.85 2.34 0.00
N SER B 94 26.47 2.58 -1.15
N SER B 94 26.50 2.60 -1.13
CA SER B 94 27.33 1.57 -1.77
CA SER B 94 27.30 1.56 -1.75
C SER B 94 28.59 1.26 -0.98
C SER B 94 28.61 1.26 -1.04
N ASP B 95 29.33 2.29 -0.60
CA ASP B 95 30.57 2.09 0.21
C ASP B 95 30.31 1.37 1.52
N ALA B 96 29.23 1.74 2.21
CA ALA B 96 28.86 1.08 3.48
C ALA B 96 28.40 -0.35 3.30
N VAL B 97 27.60 -0.59 2.26
CA VAL B 97 27.14 -1.96 2.01
C VAL B 97 28.37 -2.83 1.67
N LYS B 98 29.24 -2.36 0.78
CA LYS B 98 30.46 -3.12 0.40
C LYS B 98 31.30 -3.45 1.61
N SER B 99 31.34 -2.56 2.58
CA SER B 99 32.19 -2.76 3.73
C SER B 99 31.65 -3.82 4.68
N LEU B 100 30.33 -4.01 4.67
CA LEU B 100 29.71 -5.03 5.52
C LEU B 100 29.53 -6.37 4.82
N ALA B 101 29.68 -6.38 3.49
CA ALA B 101 29.24 -7.50 2.69
C ALA B 101 30.14 -8.75 2.79
N SER B 102 31.38 -8.60 3.24
CA SER B 102 32.27 -9.75 3.36
C SER B 102 32.07 -10.40 4.71
N THR B 103 31.39 -9.72 5.63
CA THR B 103 31.04 -10.30 6.91
C THR B 103 29.66 -10.95 6.87
N LEU B 104 28.74 -10.34 6.13
CA LEU B 104 27.36 -10.80 6.06
C LEU B 104 27.38 -12.15 5.31
N PRO B 105 26.56 -13.13 5.75
CA PRO B 105 26.58 -14.40 5.02
C PRO B 105 26.21 -14.25 3.54
N VAL B 106 26.88 -14.99 2.69
CA VAL B 106 26.71 -14.88 1.24
C VAL B 106 25.26 -15.11 0.78
N THR B 107 24.48 -15.84 1.57
CA THR B 107 23.08 -16.12 1.29
C THR B 107 22.09 -15.10 1.91
N THR B 108 22.57 -14.22 2.78
CA THR B 108 21.70 -13.21 3.40
C THR B 108 21.27 -12.10 2.41
N PRO B 109 19.96 -11.91 2.22
CA PRO B 109 19.53 -10.83 1.35
C PRO B 109 19.89 -9.44 1.91
N ILE B 110 20.12 -8.50 1.00
CA ILE B 110 20.34 -7.12 1.36
C ILE B 110 19.20 -6.31 0.76
N LEU B 111 18.43 -5.63 1.62
CA LEU B 111 17.33 -4.79 1.13
C LEU B 111 17.67 -3.30 1.26
N LEU B 112 17.80 -2.66 0.10
CA LEU B 112 18.06 -1.25 0.03
C LEU B 112 16.76 -0.48 -0.01
N ILE B 113 16.58 0.44 0.94
CA ILE B 113 15.48 1.39 0.87
C ILE B 113 16.04 2.81 0.86
N HIS B 114 15.87 3.47 -0.27
CA HIS B 114 16.31 4.82 -0.39
C HIS B 114 15.64 5.46 -1.61
N ASN B 115 15.64 6.79 -1.64
CA ASN B 115 15.25 7.54 -2.82
C ASN B 115 16.35 7.57 -3.85
N GLY B 116 15.97 7.86 -5.09
CA GLY B 116 16.96 8.07 -6.14
C GLY B 116 17.38 6.77 -6.76
N MET B 117 18.18 6.85 -7.81
CA MET B 117 18.64 5.64 -8.47
C MET B 117 20.12 5.79 -8.77
N GLY B 118 20.82 4.69 -8.99
CA GLY B 118 22.22 4.74 -9.34
C GLY B 118 23.08 3.86 -8.48
N THR B 119 22.54 3.42 -7.33
CA THR B 119 23.30 2.58 -6.40
C THR B 119 23.43 1.13 -6.86
N ILE B 120 22.46 0.63 -7.64
CA ILE B 120 22.50 -0.76 -8.08
C ILE B 120 23.76 -0.99 -8.93
N GLU B 121 24.03 -0.09 -9.88
CA GLU B 121 25.23 -0.11 -10.71
C GLU B 121 26.52 0.01 -9.89
N GLU B 122 26.46 0.66 -8.73
CA GLU B 122 27.62 0.70 -7.84
C GLU B 122 27.78 -0.61 -7.10
N LEU B 123 26.74 -1.45 -7.10
CA LEU B 123 26.77 -2.67 -6.30
C LEU B 123 26.71 -3.96 -7.15
N GLN B 124 27.22 -3.92 -8.37
CA GLN B 124 27.08 -5.05 -9.33
C GLN B 124 27.80 -6.33 -8.90
N ASN B 125 28.86 -6.17 -8.11
CA ASN B 125 29.69 -7.27 -7.66
C ASN B 125 29.32 -7.80 -6.28
N ILE B 126 28.17 -7.37 -5.75
CA ILE B 126 27.71 -7.83 -4.47
C ILE B 126 27.26 -9.26 -4.73
N GLN B 127 27.72 -10.21 -3.92
CA GLN B 127 27.35 -11.62 -4.08
C GLN B 127 26.02 -12.01 -3.43
N GLN B 128 25.64 -11.30 -2.36
CA GLN B 128 24.37 -11.56 -1.68
C GLN B 128 23.22 -11.29 -2.63
N PRO B 129 22.05 -11.90 -2.35
CA PRO B 129 20.86 -11.46 -3.05
C PRO B 129 20.65 -9.94 -2.77
N LEU B 130 20.41 -9.16 -3.82
CA LEU B 130 20.24 -7.70 -3.66
C LEU B 130 18.82 -7.28 -4.00
N LEU B 131 18.15 -6.60 -3.07
CA LEU B 131 16.77 -6.15 -3.29
C LEU B 131 16.66 -4.63 -3.17
N MET B 132 15.77 -4.06 -3.98
CA MET B 132 15.56 -2.64 -4.01
C MET B 132 14.14 -2.32 -3.53
N GLY B 133 14.00 -1.33 -2.66
CA GLY B 133 12.71 -0.87 -2.13
C GLY B 133 12.51 0.64 -2.23
N THR B 134 11.29 1.06 -2.52
CA THR B 134 10.88 2.46 -2.42
C THR B 134 9.89 2.51 -1.28
N THR B 135 9.72 3.67 -0.67
CA THR B 135 8.69 3.79 0.39
C THR B 135 8.10 5.17 0.37
N THR B 136 6.83 5.26 0.77
CA THR B 136 6.15 6.55 0.88
C THR B 136 5.74 6.83 2.32
N HIS B 137 6.21 6.00 3.26
CA HIS B 137 6.18 6.36 4.66
C HIS B 137 6.93 7.69 4.80
N ALA B 138 6.48 8.50 5.74
CA ALA B 138 7.10 9.80 5.98
C ALA B 138 7.55 9.84 7.44
N ALA B 139 8.81 10.19 7.65
CA ALA B 139 9.38 10.32 8.99
C ALA B 139 10.36 11.49 9.02
N ARG B 140 10.41 12.21 10.14
CA ARG B 140 11.30 13.35 10.25
C ARG B 140 12.00 13.46 11.62
N ARG B 141 13.25 13.92 11.60
CA ARG B 141 14.00 14.21 12.82
C ARG B 141 13.50 15.49 13.44
N ASP B 142 13.10 15.40 14.70
CA ASP B 142 12.66 16.58 15.46
C ASP B 142 13.38 16.59 16.79
N GLY B 143 14.41 17.42 16.88
CA GLY B 143 15.26 17.35 18.05
C GLY B 143 16.01 16.04 18.05
N ASN B 144 15.83 15.24 19.10
CA ASN B 144 16.48 13.93 19.21
C ASN B 144 15.52 12.74 18.96
N VAL B 145 14.29 13.02 18.57
CA VAL B 145 13.35 11.96 18.28
C VAL B 145 13.05 11.90 16.78
N ILE B 146 12.65 10.71 16.32
CA ILE B 146 12.06 10.58 15.01
C ILE B 146 10.56 10.62 15.13
N ILE B 147 9.92 11.45 14.33
CA ILE B 147 8.48 11.45 14.25
C ILE B 147 8.04 10.69 12.99
N HIS B 148 7.19 9.68 13.19
CA HIS B 148 6.50 9.00 12.09
C HIS B 148 5.31 9.86 11.67
N VAL B 149 5.45 10.51 10.53
CA VAL B 149 4.47 11.49 10.09
C VAL B 149 3.27 10.85 9.36
N ALA B 150 3.52 9.81 8.61
CA ALA B 150 2.49 9.22 7.80
C ALA B 150 2.88 7.81 7.41
N ASN B 151 1.89 6.94 7.41
CA ASN B 151 2.05 5.59 6.90
C ASN B 151 2.05 5.63 5.35
N GLY B 152 2.57 4.62 4.70
CA GLY B 152 2.55 4.60 3.24
C GLY B 152 2.82 3.18 2.79
N ILE B 153 3.39 3.05 1.60
CA ILE B 153 3.63 1.75 0.99
C ILE B 153 5.10 1.58 0.65
N THR B 154 5.64 0.41 0.95
CA THR B 154 6.97 0.04 0.58
C THR B 154 6.90 -0.99 -0.53
N HIS B 155 7.41 -0.63 -1.70
CA HIS B 155 7.51 -1.52 -2.85
C HIS B 155 8.90 -2.12 -2.94
N ILE B 156 8.96 -3.44 -3.02
CA ILE B 156 10.23 -4.16 -3.02
C ILE B 156 10.28 -5.15 -4.18
N GLY B 157 11.46 -5.35 -4.75
CA GLY B 157 11.68 -6.33 -5.79
C GLY B 157 13.16 -6.54 -5.98
N PRO B 158 13.54 -7.45 -6.90
CA PRO B 158 14.96 -7.77 -7.17
C PRO B 158 15.73 -6.58 -7.74
N ALA B 159 16.97 -6.39 -7.29
CA ALA B 159 17.78 -5.26 -7.78
C ALA B 159 18.34 -5.48 -9.19
N ARG B 160 18.76 -6.71 -9.46
CA ARG B 160 19.50 -7.10 -10.67
C ARG B 160 18.90 -8.39 -11.24
N GLN B 161 19.28 -8.69 -12.48
CA GLN B 161 18.90 -9.91 -13.17
C GLN B 161 19.05 -11.18 -12.31
N GLN B 162 20.21 -11.32 -11.65
CA GLN B 162 20.48 -12.54 -10.89
C GLN B 162 19.64 -12.71 -9.62
N ASP B 163 19.05 -11.61 -9.15
CA ASP B 163 18.33 -11.62 -7.88
C ASP B 163 16.96 -12.24 -8.01
N GLY B 164 16.69 -13.15 -7.08
CA GLY B 164 15.55 -14.05 -7.17
C GLY B 164 14.32 -13.57 -6.46
N ASP B 165 13.50 -14.56 -6.09
CA ASP B 165 12.19 -14.33 -5.51
C ASP B 165 12.24 -14.28 -3.99
N TYR B 166 12.14 -13.06 -3.45
CA TYR B 166 12.21 -12.87 -2.01
C TYR B 166 10.91 -12.30 -1.51
N SER B 167 9.82 -12.72 -2.16
CA SER B 167 8.48 -12.27 -1.83
C SER B 167 8.00 -12.76 -0.47
N TYR B 168 8.67 -13.79 0.05
CA TYR B 168 8.47 -14.26 1.42
C TYR B 168 8.79 -13.14 2.39
N LEU B 169 9.94 -12.49 2.18
CA LEU B 169 10.36 -11.32 2.94
C LEU B 169 9.28 -10.23 2.92
N ALA B 170 8.72 -9.97 1.75
CA ALA B 170 7.68 -8.95 1.60
C ALA B 170 6.48 -9.29 2.47
N ASP B 171 6.19 -10.58 2.63
CA ASP B 171 5.07 -11.00 3.46
C ASP B 171 5.39 -10.88 4.95
N ILE B 172 6.62 -11.18 5.31
CA ILE B 172 7.06 -10.95 6.66
C ILE B 172 6.98 -9.44 6.99
N LEU B 173 7.51 -8.58 6.11
CA LEU B 173 7.57 -7.14 6.40
C LEU B 173 6.20 -6.47 6.39
N GLN B 174 5.26 -7.04 5.61
CA GLN B 174 3.85 -6.62 5.68
C GLN B 174 3.30 -6.67 7.12
N THR B 175 3.72 -7.65 7.91
CA THR B 175 3.26 -7.76 9.29
C THR B 175 4.07 -6.85 10.27
N VAL B 176 5.09 -6.19 9.76
CA VAL B 176 5.99 -5.38 10.61
C VAL B 176 5.62 -3.92 10.40
N LEU B 177 5.70 -3.48 9.14
CA LEU B 177 5.41 -2.11 8.79
C LEU B 177 4.63 -2.07 7.49
N PRO B 178 3.30 -2.29 7.57
CA PRO B 178 2.40 -2.25 6.41
C PRO B 178 2.37 -0.87 5.78
N ASP B 179 2.07 -0.75 4.47
CA ASP B 179 1.90 -1.88 3.56
C ASP B 179 3.16 -2.11 2.72
N VAL B 180 3.40 -3.39 2.40
CA VAL B 180 4.54 -3.83 1.63
C VAL B 180 4.02 -4.64 0.41
N ALA B 181 4.53 -4.32 -0.78
CA ALA B 181 4.16 -5.00 -2.03
C ALA B 181 5.41 -5.48 -2.70
N TRP B 182 5.48 -6.78 -2.99
CA TRP B 182 6.53 -7.37 -3.83
C TRP B 182 6.27 -7.12 -5.34
N HIS B 183 7.32 -6.91 -6.11
CA HIS B 183 7.19 -6.84 -7.56
C HIS B 183 8.35 -7.65 -8.14
N ASN B 184 8.06 -8.52 -9.10
CA ASN B 184 9.10 -9.38 -9.71
C ASN B 184 10.08 -8.58 -10.55
N ASN B 185 9.61 -7.42 -10.98
CA ASN B 185 10.40 -6.43 -11.65
C ASN B 185 10.10 -5.05 -11.08
N ILE B 186 11.10 -4.45 -10.42
CA ILE B 186 10.89 -3.24 -9.62
C ILE B 186 11.09 -1.95 -10.39
N ARG B 187 11.54 -2.09 -11.65
N ARG B 187 11.51 -2.09 -11.64
CA ARG B 187 11.98 -0.96 -12.45
CA ARG B 187 11.99 -0.94 -12.39
C ARG B 187 10.95 0.17 -12.56
C ARG B 187 10.97 0.18 -12.63
N ALA B 188 9.72 -0.18 -12.95
CA ALA B 188 8.65 0.82 -13.10
C ALA B 188 8.41 1.60 -11.79
N GLU B 189 8.49 0.89 -10.66
N GLU B 189 8.50 0.90 -10.65
CA GLU B 189 8.35 1.54 -9.36
CA GLU B 189 8.34 1.56 -9.35
C GLU B 189 9.50 2.54 -9.08
C GLU B 189 9.52 2.48 -8.99
N LEU B 190 10.73 2.12 -9.39
CA LEU B 190 11.89 3.02 -9.23
C LEU B 190 11.67 4.33 -9.96
N TRP B 191 11.20 4.25 -11.22
CA TRP B 191 10.93 5.44 -12.03
C TRP B 191 9.77 6.25 -11.53
N ARG B 192 8.74 5.58 -11.03
CA ARG B 192 7.56 6.30 -10.53
C ARG B 192 7.96 7.12 -9.27
N LYS B 193 8.73 6.50 -8.38
CA LYS B 193 9.15 7.20 -7.18
C LYS B 193 10.15 8.31 -7.49
N LEU B 194 11.05 8.05 -8.44
CA LEU B 194 11.98 9.07 -8.93
C LEU B 194 11.26 10.34 -9.39
N ALA B 195 10.17 10.17 -10.14
CA ALA B 195 9.28 11.27 -10.52
C ALA B 195 8.74 12.05 -9.34
N VAL B 196 8.33 11.35 -8.28
CA VAL B 196 7.82 12.04 -7.09
C VAL B 196 8.95 12.83 -6.38
N ASN B 197 10.12 12.21 -6.20
CA ASN B 197 11.22 12.86 -5.52
C ASN B 197 11.88 14.00 -6.35
N CYS B 198 11.83 13.95 -7.68
CA CYS B 198 12.34 15.01 -8.56
C CYS B 198 11.49 16.24 -8.36
N VAL B 199 10.24 16.04 -7.98
CA VAL B 199 9.38 17.16 -7.63
C VAL B 199 9.51 17.60 -6.16
N ILE B 200 9.27 16.69 -5.23
CA ILE B 200 9.08 17.11 -3.84
C ILE B 200 10.40 17.57 -3.22
N ASN B 201 11.47 16.83 -3.49
CA ASN B 201 12.67 17.03 -2.71
C ASN B 201 13.34 18.38 -2.97
N PRO B 202 13.70 18.70 -4.24
CA PRO B 202 14.31 20.04 -4.45
C PRO B 202 13.39 21.22 -4.16
N LEU B 203 12.09 21.12 -4.44
CA LEU B 203 11.17 22.21 -4.21
C LEU B 203 10.99 22.52 -2.74
N THR B 204 10.84 21.50 -1.90
CA THR B 204 10.79 21.74 -0.45
C THR B 204 12.14 22.27 0.09
N ALA B 205 13.25 21.76 -0.44
CA ALA B 205 14.60 22.20 -0.03
C ALA B 205 14.77 23.66 -0.34
N ILE B 206 14.30 24.07 -1.51
CA ILE B 206 14.43 25.43 -1.96
C ILE B 206 13.46 26.36 -1.26
N TRP B 207 12.20 25.94 -1.09
CA TRP B 207 11.20 26.81 -0.47
C TRP B 207 11.14 26.74 1.04
N ASN B 208 11.95 25.88 1.65
CA ASN B 208 11.97 25.70 3.10
C ASN B 208 10.57 25.48 3.69
N CYS B 209 9.81 24.60 3.05
CA CYS B 209 8.40 24.37 3.39
C CYS B 209 8.08 22.87 3.59
N PRO B 210 7.04 22.58 4.40
CA PRO B 210 6.53 21.19 4.45
C PRO B 210 5.94 20.78 3.12
N ASN B 211 5.85 19.47 2.88
CA ASN B 211 5.41 18.97 1.58
C ASN B 211 4.07 19.59 1.14
N GLY B 212 3.15 19.81 2.06
CA GLY B 212 1.77 20.18 1.67
C GLY B 212 1.70 21.54 1.02
N GLU B 213 2.70 22.40 1.28
CA GLU B 213 2.79 23.71 0.66
C GLU B 213 2.94 23.63 -0.86
N LEU B 214 3.51 22.52 -1.34
CA LEU B 214 3.61 22.31 -2.80
C LEU B 214 2.28 22.25 -3.57
N ARG B 215 1.17 22.03 -2.85
CA ARG B 215 -0.18 22.08 -3.46
C ARG B 215 -0.46 23.43 -4.15
N HIS B 216 0.17 24.47 -3.63
CA HIS B 216 0.11 25.82 -4.18
C HIS B 216 0.98 26.05 -5.42
N HIS B 217 1.63 25.00 -5.91
CA HIS B 217 2.55 25.16 -7.05
C HIS B 217 2.25 24.14 -8.10
N PRO B 218 0.98 24.07 -8.52
CA PRO B 218 0.56 23.04 -9.46
C PRO B 218 1.25 23.18 -10.80
N GLN B 219 1.56 24.41 -11.24
CA GLN B 219 2.20 24.59 -12.58
C GLN B 219 3.66 24.15 -12.58
N GLU B 220 4.38 24.48 -11.51
CA GLU B 220 5.77 24.08 -11.36
C GLU B 220 5.85 22.56 -11.34
N ILE B 221 4.94 21.93 -10.59
CA ILE B 221 4.89 20.46 -10.47
C ILE B 221 4.70 19.85 -11.87
N MET B 222 3.76 20.42 -12.62
CA MET B 222 3.45 19.93 -13.99
C MET B 222 4.63 20.06 -14.92
N GLN B 223 5.27 21.23 -14.90
N GLN B 223 5.28 21.23 -14.90
CA GLN B 223 6.46 21.44 -15.72
CA GLN B 223 6.48 21.43 -15.73
C GLN B 223 7.52 20.37 -15.45
C GLN B 223 7.55 20.37 -15.45
N ILE B 224 7.79 20.08 -14.18
CA ILE B 224 8.76 19.01 -13.82
C ILE B 224 8.31 17.62 -14.30
N CYS B 225 7.03 17.30 -14.12
CA CYS B 225 6.48 16.02 -14.60
C CYS B 225 6.55 15.86 -16.11
N GLU B 226 6.33 16.94 -16.86
N GLU B 226 6.33 16.97 -16.83
CA GLU B 226 6.49 16.87 -18.31
CA GLU B 226 6.47 17.00 -18.29
C GLU B 226 7.91 16.41 -18.66
C GLU B 226 7.88 16.57 -18.73
N GLU B 227 8.91 17.04 -18.02
CA GLU B 227 10.32 16.68 -18.31
C GLU B 227 10.62 15.24 -17.94
N VAL B 228 10.12 14.82 -16.77
CA VAL B 228 10.32 13.46 -16.29
C VAL B 228 9.62 12.43 -17.15
N ALA B 229 8.39 12.72 -17.55
CA ALA B 229 7.64 11.81 -18.45
C ALA B 229 8.40 11.59 -19.77
N ALA B 230 8.95 12.68 -20.32
CA ALA B 230 9.75 12.59 -21.56
C ALA B 230 10.96 11.68 -21.41
N VAL B 231 11.60 11.73 -20.24
CA VAL B 231 12.74 10.85 -19.99
C VAL B 231 12.29 9.40 -19.84
N ILE B 232 11.22 9.18 -19.08
CA ILE B 232 10.73 7.83 -18.82
C ILE B 232 10.31 7.10 -20.11
N GLU B 233 9.72 7.85 -21.05
N GLU B 233 9.70 7.82 -21.06
CA GLU B 233 9.29 7.31 -22.34
CA GLU B 233 9.31 7.27 -22.35
C GLU B 233 10.48 6.86 -23.20
C GLU B 233 10.52 6.65 -23.03
N ARG B 234 11.61 7.56 -23.10
N ARG B 234 11.56 7.45 -23.25
CA ARG B 234 12.84 7.14 -23.77
CA ARG B 234 12.79 6.98 -23.87
C ARG B 234 13.63 6.07 -22.98
C ARG B 234 13.46 5.85 -23.11
N GLU B 235 13.06 5.63 -21.86
CA GLU B 235 13.61 4.53 -21.06
C GLU B 235 12.82 3.24 -21.26
N GLY B 236 11.74 3.33 -22.05
CA GLY B 236 10.88 2.19 -22.34
C GLY B 236 9.88 1.85 -21.24
N HIS B 237 9.29 2.87 -20.65
CA HIS B 237 8.12 2.72 -19.75
C HIS B 237 7.11 3.69 -20.26
N HIS B 238 5.85 3.31 -20.15
CA HIS B 238 4.80 4.20 -20.59
C HIS B 238 4.23 4.97 -19.44
N THR B 239 4.12 6.28 -19.64
CA THR B 239 3.52 7.17 -18.67
C THR B 239 3.10 8.44 -19.38
N SER B 240 2.45 9.33 -18.66
CA SER B 240 2.15 10.64 -19.17
C SER B 240 2.48 11.62 -18.06
N ALA B 241 2.62 12.89 -18.40
CA ALA B 241 2.88 13.93 -17.45
C ALA B 241 1.78 14.02 -16.41
N GLU B 242 0.52 13.94 -16.88
CA GLU B 242 -0.69 13.99 -16.05
C GLU B 242 -0.75 12.84 -15.04
N ASP B 243 -0.40 11.63 -15.49
CA ASP B 243 -0.30 10.47 -14.60
C ASP B 243 0.75 10.67 -13.50
N LEU B 244 1.91 11.18 -13.88
CA LEU B 244 2.98 11.43 -12.92
C LEU B 244 2.51 12.49 -11.93
N ARG B 245 2.02 13.60 -12.46
CA ARG B 245 1.43 14.67 -11.67
C ARG B 245 0.39 14.21 -10.63
N ASP B 246 -0.59 13.40 -11.05
CA ASP B 246 -1.62 12.84 -10.15
C ASP B 246 -1.00 12.05 -8.99
N TYR B 247 -0.07 11.15 -9.31
CA TYR B 247 0.62 10.42 -8.27
C TYR B 247 1.38 11.34 -7.30
N VAL B 248 2.10 12.33 -7.84
CA VAL B 248 2.86 13.26 -7.02
C VAL B 248 1.94 13.99 -6.06
N MET B 249 0.78 14.44 -6.57
CA MET B 249 -0.24 15.08 -5.71
C MET B 249 -0.72 14.14 -4.61
N GLN B 250 -0.91 12.87 -4.99
CA GLN B 250 -1.31 11.86 -4.00
C GLN B 250 -0.28 11.73 -2.86
N VAL B 251 1.02 11.65 -3.20
CA VAL B 251 2.08 11.55 -2.19
C VAL B 251 2.15 12.84 -1.34
N ILE B 252 2.01 14.00 -1.99
CA ILE B 252 2.02 15.29 -1.31
C ILE B 252 0.89 15.36 -0.27
N ASP B 253 -0.34 15.04 -0.67
CA ASP B 253 -1.48 15.02 0.28
C ASP B 253 -1.25 14.07 1.46
N ALA B 254 -0.79 12.87 1.17
CA ALA B 254 -0.55 11.88 2.22
C ALA B 254 0.58 12.28 3.18
N THR B 255 1.55 13.09 2.69
CA THR B 255 2.78 13.41 3.46
C THR B 255 2.83 14.91 3.68
N ALA B 256 1.65 15.56 3.60
CA ALA B 256 1.52 17.02 3.65
C ALA B 256 2.26 17.69 4.80
N GLU B 257 2.35 17.00 5.93
CA GLU B 257 2.92 17.54 7.16
C GLU B 257 4.39 17.15 7.35
N ASN B 258 4.95 16.45 6.37
CA ASN B 258 6.36 16.08 6.45
C ASN B 258 7.27 17.22 6.04
N ILE B 259 8.45 17.22 6.67
CA ILE B 259 9.64 17.86 6.18
C ILE B 259 10.37 16.81 5.33
N SER B 260 10.54 17.07 4.03
CA SER B 260 11.12 16.05 3.11
C SER B 260 12.53 15.74 3.55
N SER B 261 13.02 14.56 3.16
CA SER B 261 14.36 14.13 3.55
C SER B 261 15.42 15.08 3.01
N MET B 262 15.16 15.68 1.84
CA MET B 262 16.10 16.61 1.29
C MET B 262 16.12 17.94 2.06
N LEU B 263 14.96 18.37 2.50
CA LEU B 263 14.84 19.55 3.34
C LEU B 263 15.43 19.24 4.72
N GLN B 264 15.29 18.00 5.18
CA GLN B 264 15.89 17.65 6.46
C GLN B 264 17.43 17.73 6.34
N ASP B 265 17.98 17.35 5.20
CA ASP B 265 19.44 17.44 4.97
C ASP B 265 19.91 18.87 4.97
N ILE B 266 19.21 19.74 4.25
CA ILE B 266 19.49 21.17 4.22
C ILE B 266 19.51 21.71 5.67
N ARG B 267 18.51 21.35 6.49
CA ARG B 267 18.42 21.90 7.84
C ARG B 267 19.50 21.33 8.78
N ALA B 268 19.84 20.06 8.60
CA ALA B 268 20.88 19.42 9.38
C ALA B 268 22.28 19.74 8.82
N LEU B 269 22.35 20.59 7.79
CA LEU B 269 23.64 20.93 7.15
C LEU B 269 24.39 19.70 6.59
N ARG B 270 23.64 18.78 5.98
CA ARG B 270 24.26 17.59 5.39
C ARG B 270 24.22 17.68 3.87
N HIS B 271 25.17 17.00 3.22
CA HIS B 271 25.13 16.75 1.78
C HIS B 271 23.80 16.03 1.43
N THR B 272 23.13 16.43 0.35
CA THR B 272 21.84 15.87 -0.03
C THR B 272 22.02 14.77 -1.06
N GLU B 273 20.89 14.13 -1.42
CA GLU B 273 20.86 13.06 -2.43
C GLU B 273 20.62 13.59 -3.84
N ILE B 274 20.84 14.89 -4.05
CA ILE B 274 20.46 15.49 -5.35
C ILE B 274 21.13 14.80 -6.55
N ASP B 275 22.33 14.24 -6.38
CA ASP B 275 23.01 13.53 -7.50
C ASP B 275 22.31 12.23 -7.89
N TYR B 276 21.57 11.63 -6.96
CA TYR B 276 20.90 10.34 -7.21
C TYR B 276 19.42 10.46 -7.61
N ILE B 277 18.92 11.68 -7.56
CA ILE B 277 17.53 12.02 -7.86
C ILE B 277 17.50 12.90 -9.10
N ASN B 278 17.36 14.22 -8.95
CA ASN B 278 17.32 15.06 -10.15
C ASN B 278 18.60 14.89 -10.98
N GLY B 279 19.74 14.73 -10.31
CA GLY B 279 21.00 14.45 -10.98
C GLY B 279 20.98 13.21 -11.84
N PHE B 280 20.38 12.13 -11.34
CA PHE B 280 20.24 10.93 -12.16
C PHE B 280 19.32 11.19 -13.38
N LEU B 281 18.23 11.94 -13.17
CA LEU B 281 17.35 12.31 -14.28
C LEU B 281 18.10 13.09 -15.38
N LEU B 282 18.86 14.10 -14.98
CA LEU B 282 19.77 14.86 -15.85
C LEU B 282 20.70 14.00 -16.69
N ARG B 283 21.33 12.99 -16.08
CA ARG B 283 22.23 12.09 -16.81
C ARG B 283 21.52 11.22 -17.84
N ARG B 284 20.28 10.82 -17.52
CA ARG B 284 19.46 10.02 -18.41
C ARG B 284 18.90 10.87 -19.56
N ALA B 285 18.59 12.11 -19.24
CA ALA B 285 18.13 13.07 -20.22
C ALA B 285 19.27 13.44 -21.21
N ARG B 286 20.49 13.57 -20.70
CA ARG B 286 21.67 13.88 -21.49
C ARG B 286 21.91 12.76 -22.51
N ALA B 287 21.88 11.50 -22.03
CA ALA B 287 22.06 10.33 -22.88
C ALA B 287 21.04 10.21 -24.03
N HIS B 288 19.85 10.79 -23.87
CA HIS B 288 18.82 10.73 -24.90
C HIS B 288 18.64 12.11 -25.58
N GLY B 289 19.51 13.05 -25.25
CA GLY B 289 19.39 14.40 -25.78
C GLY B 289 18.06 15.07 -25.54
N ILE B 290 17.44 14.79 -24.38
CA ILE B 290 16.19 15.44 -23.97
C ILE B 290 16.47 16.73 -23.20
N ALA B 291 15.79 17.81 -23.55
CA ALA B 291 15.94 19.09 -22.86
C ALA B 291 15.16 19.07 -21.53
N VAL B 292 15.86 19.40 -20.44
CA VAL B 292 15.33 19.34 -19.07
C VAL B 292 15.68 20.60 -18.29
N PRO B 293 15.31 21.77 -18.83
CA PRO B 293 15.73 23.01 -18.20
C PRO B 293 15.22 23.25 -16.77
N GLU B 294 14.00 22.81 -16.48
CA GLU B 294 13.45 22.97 -15.15
C GLU B 294 14.18 22.05 -14.15
N ASN B 295 14.42 20.80 -14.51
CA ASN B 295 15.16 19.91 -13.60
C ASN B 295 16.62 20.37 -13.39
N THR B 296 17.20 20.95 -14.44
CA THR B 296 18.56 21.49 -14.39
C THR B 296 18.66 22.66 -13.41
N ARG B 297 17.72 23.59 -13.53
CA ARG B 297 17.64 24.72 -12.64
C ARG B 297 17.53 24.28 -11.18
N LEU B 298 16.63 23.34 -10.90
CA LEU B 298 16.40 22.83 -9.52
C LEU B 298 17.64 22.14 -8.99
N PHE B 299 18.26 21.30 -9.82
CA PHE B 299 19.52 20.65 -9.48
C PHE B 299 20.53 21.70 -9.03
N GLU B 300 20.66 22.77 -9.82
CA GLU B 300 21.65 23.81 -9.55
C GLU B 300 21.31 24.61 -8.28
N MET B 301 20.03 24.94 -8.10
CA MET B 301 19.63 25.65 -6.87
C MET B 301 19.94 24.85 -5.61
N VAL B 302 19.75 23.54 -5.68
CA VAL B 302 20.11 22.68 -4.54
C VAL B 302 21.64 22.64 -4.28
N LYS B 303 22.44 22.52 -5.33
CA LYS B 303 23.92 22.55 -5.17
C LYS B 303 24.35 23.85 -4.49
N ARG B 304 23.72 24.94 -4.91
CA ARG B 304 24.01 26.25 -4.36
C ARG B 304 23.62 26.32 -2.89
N LYS B 305 22.47 25.76 -2.53
CA LYS B 305 22.07 25.73 -1.15
C LYS B 305 23.09 24.98 -0.31
N GLU B 306 23.54 23.84 -0.80
CA GLU B 306 24.46 23.00 -0.07
C GLU B 306 25.81 23.68 0.18
N SER B 307 26.30 24.42 -0.82
CA SER B 307 27.57 25.14 -0.72
C SER B 307 27.57 26.23 0.39
N GLU B 308 26.39 26.67 0.82
CA GLU B 308 26.33 27.60 1.95
C GLU B 308 26.80 27.00 3.28
N TYR B 309 26.87 25.66 3.38
CA TYR B 309 27.30 25.08 4.63
C TYR B 309 28.36 24.03 4.52
N GLU B 310 28.73 23.66 3.31
CA GLU B 310 29.67 22.56 3.14
C GLU B 310 31.08 23.12 3.15
#